data_5LVM
#
_entry.id   5LVM
#
_cell.length_a   148.020
_cell.length_b   44.440
_cell.length_c   47.780
_cell.angle_alpha   90.00
_cell.angle_beta   102.11
_cell.angle_gamma   90.00
#
_symmetry.space_group_name_H-M   'C 1 2 1'
#
loop_
_entity.id
_entity.type
_entity.pdbx_description
1 polymer '3-phosphoinositide-dependent protein kinase 1'
2 non-polymer ADENINE
3 non-polymer 'DITHIANE DIOL'
4 water water
#
_entity_poly.entity_id   1
_entity_poly.type   'polypeptide(L)'
_entity_poly.pdbx_seq_one_letter_code
;GAMDGTAAEPRPGAGSLQHAQPPPQPRKKRPEDFKFGKILGEGSFSTVVLARELATSREYAIKILEKRHIIKENKVPYVT
RERDVMSRLDHPFFVKLYFTFQDDEKLYFGLSYAKNGELLKYIRKIGSFDETCTRFYTAEIVSALEYLHGKGIIHRDLKP
ENILLNEDMHIQITDFGTAKVLSPESKQARAN(SEP)FVGTAQYVSPELLTEKSACKSSDLWALGCIIYQLVAGLPPFRA
GNEGLIFAKIIKLEYDFPEKFFPKARDLVEKLLVLDATKRLGCEEMEGYGPLKAHPFFESVTWENLHQQTPPKLT
;
_entity_poly.pdbx_strand_id   A
#
# COMPACT_ATOMS: atom_id res chain seq x y z
CA LYS A 28 -19.09 6.18 -21.00
C LYS A 28 -18.01 6.37 -22.09
N LYS A 29 -16.73 6.36 -21.71
CA LYS A 29 -15.61 6.32 -22.67
C LYS A 29 -15.49 4.95 -23.41
N ARG A 30 -14.72 4.91 -24.50
CA ARG A 30 -14.45 3.72 -25.30
C ARG A 30 -12.96 3.66 -25.67
N PRO A 31 -12.44 2.50 -26.07
CA PRO A 31 -10.98 2.42 -26.34
C PRO A 31 -10.49 3.43 -27.38
N GLU A 32 -11.28 3.69 -28.43
CA GLU A 32 -10.92 4.62 -29.48
C GLU A 32 -10.90 6.06 -29.00
N ASP A 33 -11.39 6.33 -27.80
CA ASP A 33 -11.23 7.67 -27.19
C ASP A 33 -9.83 7.93 -26.70
N PHE A 34 -8.94 6.92 -26.76
CA PHE A 34 -7.60 7.05 -26.24
C PHE A 34 -6.57 6.71 -27.28
N LYS A 35 -5.39 7.24 -27.13
CA LYS A 35 -4.18 6.78 -27.81
C LYS A 35 -3.31 6.07 -26.77
N PHE A 36 -3.12 4.77 -26.91
CA PHE A 36 -2.30 3.98 -26.02
C PHE A 36 -0.84 4.08 -26.39
N GLY A 37 -0.04 4.20 -25.36
CA GLY A 37 1.41 4.24 -25.48
C GLY A 37 2.06 3.04 -24.82
N LYS A 38 3.12 3.27 -24.06
CA LYS A 38 3.90 2.18 -23.53
C LYS A 38 3.16 1.34 -22.49
N ILE A 39 3.51 0.03 -22.45
CA ILE A 39 3.02 -0.86 -21.42
C ILE A 39 3.75 -0.52 -20.12
N LEU A 40 3.00 -0.33 -19.05
CA LEU A 40 3.54 0.00 -17.74
C LEU A 40 3.68 -1.20 -16.84
N GLY A 41 2.84 -2.22 -17.01
CA GLY A 41 2.90 -3.40 -16.18
C GLY A 41 2.10 -4.53 -16.79
N GLU A 42 2.54 -5.75 -16.53
CA GLU A 42 1.86 -6.94 -16.99
C GLU A 42 1.71 -7.84 -15.78
N GLY A 43 0.46 -8.15 -15.43
CA GLY A 43 0.17 -9.10 -14.38
C GLY A 43 -0.43 -10.39 -14.95
N SER A 44 -0.69 -11.33 -14.04
CA SER A 44 -1.24 -12.62 -14.44
C SER A 44 -2.59 -12.46 -15.11
N PHE A 45 -3.38 -11.42 -14.73
CA PHE A 45 -4.70 -11.28 -15.34
C PHE A 45 -5.03 -9.84 -15.69
N SER A 46 -4.01 -8.97 -15.81
CA SER A 46 -4.25 -7.57 -16.18
C SER A 46 -3.03 -7.07 -16.94
N THR A 47 -3.21 -5.97 -17.65
CA THR A 47 -2.12 -5.23 -18.27
C THR A 47 -2.39 -3.76 -18.02
N VAL A 48 -1.36 -2.99 -17.64
CA VAL A 48 -1.53 -1.56 -17.45
C VAL A 48 -0.77 -0.83 -18.54
N VAL A 49 -1.45 0.10 -19.22
CA VAL A 49 -0.90 0.76 -20.40
C VAL A 49 -1.05 2.28 -20.22
N LEU A 50 -0.01 3.04 -20.52
CA LEU A 50 -0.12 4.49 -20.53
C LEU A 50 -1.01 4.92 -21.68
N ALA A 51 -1.86 5.90 -21.47
CA ALA A 51 -2.75 6.37 -22.51
C ALA A 51 -2.98 7.86 -22.38
N ARG A 52 -3.29 8.46 -23.50
CA ARG A 52 -3.74 9.84 -23.58
C ARG A 52 -5.16 9.87 -24.08
N GLU A 53 -6.04 10.57 -23.37
CA GLU A 53 -7.41 10.74 -23.81
C GLU A 53 -7.49 11.81 -24.88
N LEU A 54 -8.00 11.45 -26.06
CA LEU A 54 -7.92 12.40 -27.17
C LEU A 54 -8.63 13.70 -26.90
N ALA A 55 -9.81 13.65 -26.27
CA ALA A 55 -10.67 14.85 -26.17
C ALA A 55 -10.19 15.83 -25.12
N THR A 56 -9.30 15.42 -24.23
CA THR A 56 -8.83 16.24 -23.15
C THR A 56 -7.33 16.37 -23.09
N SER A 57 -6.59 15.49 -23.75
CA SER A 57 -5.14 15.42 -23.67
C SER A 57 -4.62 14.93 -22.32
N ARG A 58 -5.47 14.44 -21.45
CA ARG A 58 -4.96 13.94 -20.18
CA ARG A 58 -5.01 13.93 -20.16
C ARG A 58 -4.38 12.54 -20.30
N GLU A 59 -3.38 12.31 -19.47
CA GLU A 59 -2.68 11.05 -19.34
CA GLU A 59 -2.69 11.02 -19.37
C GLU A 59 -3.26 10.20 -18.21
N TYR A 60 -3.44 8.92 -18.48
CA TYR A 60 -3.90 7.94 -17.51
C TYR A 60 -3.08 6.67 -17.63
N ALA A 61 -2.99 5.92 -16.52
CA ALA A 61 -2.58 4.52 -16.58
C ALA A 61 -3.86 3.70 -16.67
N ILE A 62 -4.06 3.00 -17.77
CA ILE A 62 -5.31 2.26 -17.95
C ILE A 62 -5.03 0.78 -17.68
N LYS A 63 -5.72 0.23 -16.71
CA LYS A 63 -5.62 -1.20 -16.42
CA LYS A 63 -5.63 -1.20 -16.42
C LYS A 63 -6.68 -1.94 -17.21
N ILE A 64 -6.26 -2.95 -17.94
CA ILE A 64 -7.11 -3.62 -18.89
C ILE A 64 -7.19 -5.09 -18.49
N LEU A 65 -8.41 -5.60 -18.35
CA LEU A 65 -8.68 -6.96 -17.91
C LEU A 65 -9.44 -7.65 -19.04
N GLU A 66 -9.02 -8.86 -19.39
CA GLU A 66 -9.72 -9.60 -20.42
C GLU A 66 -10.81 -10.39 -19.71
N LYS A 67 -12.08 -10.15 -20.12
CA LYS A 67 -13.23 -10.74 -19.43
C LYS A 67 -13.20 -12.26 -19.42
N ARG A 68 -12.85 -12.89 -20.56
CA ARG A 68 -12.85 -14.34 -20.64
C ARG A 68 -11.93 -14.92 -19.59
N HIS A 69 -10.76 -14.30 -19.45
CA HIS A 69 -9.74 -14.78 -18.53
C HIS A 69 -10.17 -14.58 -17.09
C HIS A 69 -10.18 -14.60 -17.08
N ILE A 70 -10.65 -13.37 -16.76
N ILE A 70 -10.68 -13.42 -16.73
CA ILE A 70 -11.14 -13.12 -15.41
CA ILE A 70 -11.08 -13.19 -15.34
C ILE A 70 -12.18 -14.19 -15.03
C ILE A 70 -12.25 -14.11 -14.98
N ILE A 71 -13.16 -14.39 -15.91
CA ILE A 71 -14.25 -15.34 -15.63
C ILE A 71 -13.69 -16.74 -15.44
N LYS A 72 -12.84 -17.18 -16.36
CA LYS A 72 -12.33 -18.55 -16.35
C LYS A 72 -11.49 -18.80 -15.10
N GLU A 73 -10.72 -17.78 -14.65
CA GLU A 73 -9.79 -17.94 -13.55
C GLU A 73 -10.35 -17.49 -12.19
N ASN A 74 -11.68 -17.29 -12.10
CA ASN A 74 -12.39 -16.87 -10.89
C ASN A 74 -11.80 -15.63 -10.22
N LYS A 75 -11.48 -14.64 -11.02
CA LYS A 75 -10.98 -13.37 -10.53
C LYS A 75 -12.04 -12.28 -10.49
N VAL A 76 -13.27 -12.58 -10.88
CA VAL A 76 -14.29 -11.52 -10.87
C VAL A 76 -14.40 -10.89 -9.50
N PRO A 77 -14.35 -11.62 -8.38
CA PRO A 77 -14.50 -10.94 -7.11
C PRO A 77 -13.41 -9.92 -6.85
N TYR A 78 -12.20 -10.20 -7.31
CA TYR A 78 -11.09 -9.29 -7.03
CA TYR A 78 -11.07 -9.30 -7.06
C TYR A 78 -11.19 -8.04 -7.90
N VAL A 79 -11.64 -8.19 -9.14
CA VAL A 79 -11.85 -7.04 -10.00
C VAL A 79 -12.96 -6.16 -9.47
N THR A 80 -14.07 -6.78 -9.08
CA THR A 80 -15.18 -6.04 -8.46
C THR A 80 -14.72 -5.32 -7.20
N ARG A 81 -13.89 -5.98 -6.39
CA ARG A 81 -13.44 -5.40 -5.14
C ARG A 81 -12.56 -4.17 -5.42
N GLU A 82 -11.67 -4.27 -6.38
CA GLU A 82 -10.77 -3.17 -6.70
C GLU A 82 -11.60 -1.96 -7.11
N ARG A 83 -12.58 -2.17 -8.00
CA ARG A 83 -13.43 -1.04 -8.41
C ARG A 83 -14.19 -0.46 -7.23
N ASP A 84 -14.84 -1.31 -6.42
CA ASP A 84 -15.64 -0.84 -5.30
CA ASP A 84 -15.64 -0.80 -5.30
C ASP A 84 -14.79 -0.05 -4.30
N VAL A 85 -13.62 -0.58 -3.95
CA VAL A 85 -12.81 0.10 -2.96
C VAL A 85 -12.27 1.41 -3.52
N MET A 86 -11.69 1.38 -4.73
CA MET A 86 -11.10 2.59 -5.30
C MET A 86 -12.12 3.68 -5.51
N SER A 87 -13.40 3.32 -5.76
CA SER A 87 -14.43 4.31 -5.96
CA SER A 87 -14.42 4.33 -5.96
C SER A 87 -14.71 5.10 -4.68
N ARG A 88 -14.32 4.57 -3.53
CA ARG A 88 -14.54 5.22 -2.25
C ARG A 88 -13.43 6.18 -1.89
N LEU A 89 -12.30 6.16 -2.59
CA LEU A 89 -11.12 6.86 -2.13
C LEU A 89 -10.95 8.18 -2.87
N ASP A 90 -10.48 9.18 -2.11
N ASP A 90 -10.63 9.20 -2.10
CA ASP A 90 -10.35 10.54 -2.62
CA ASP A 90 -10.41 10.53 -2.59
C ASP A 90 -9.15 11.33 -2.07
C ASP A 90 -9.43 11.18 -1.61
N HIS A 91 -8.18 10.68 -1.61
N HIS A 91 -8.14 10.85 -1.79
CA HIS A 91 -7.07 11.30 -0.93
CA HIS A 91 -7.07 11.30 -0.95
C HIS A 91 -5.84 11.38 -1.82
N PRO A 92 -5.00 12.40 -1.66
CA PRO A 92 -3.81 12.56 -2.52
C PRO A 92 -2.80 11.44 -2.50
N PHE A 93 -2.77 10.58 -1.49
CA PHE A 93 -1.77 9.51 -1.40
C PHE A 93 -2.21 8.17 -1.95
N PHE A 94 -3.31 8.13 -2.68
CA PHE A 94 -3.83 6.94 -3.32
C PHE A 94 -3.91 7.15 -4.81
N VAL A 95 -3.62 6.10 -5.55
CA VAL A 95 -3.98 6.07 -6.98
C VAL A 95 -5.49 6.29 -7.05
N LYS A 96 -5.95 7.14 -7.99
CA LYS A 96 -7.36 7.45 -8.21
C LYS A 96 -7.92 6.67 -9.38
N LEU A 97 -9.13 6.19 -9.21
CA LEU A 97 -9.93 5.62 -10.29
C LEU A 97 -10.82 6.72 -10.84
N TYR A 98 -10.57 7.13 -12.07
CA TYR A 98 -11.34 8.21 -12.69
C TYR A 98 -12.54 7.74 -13.48
N PHE A 99 -12.45 6.56 -14.08
CA PHE A 99 -13.53 6.05 -14.93
C PHE A 99 -13.35 4.57 -15.15
N THR A 100 -14.42 3.91 -15.57
CA THR A 100 -14.36 2.53 -16.00
C THR A 100 -15.21 2.41 -17.27
N PHE A 101 -14.83 1.51 -18.19
CA PHE A 101 -15.65 1.20 -19.36
C PHE A 101 -15.33 -0.22 -19.78
N GLN A 102 -16.16 -0.75 -20.67
CA GLN A 102 -15.89 -2.10 -21.12
C GLN A 102 -16.35 -2.22 -22.55
N ASP A 103 -15.80 -3.21 -23.24
CA ASP A 103 -16.32 -3.58 -24.54
C ASP A 103 -16.58 -5.08 -24.43
N ASP A 104 -16.72 -5.76 -25.57
CA ASP A 104 -17.10 -7.18 -25.54
C ASP A 104 -16.02 -8.05 -24.91
N GLU A 105 -14.75 -7.70 -25.07
CA GLU A 105 -13.67 -8.55 -24.61
C GLU A 105 -13.06 -8.08 -23.30
N LYS A 106 -13.16 -6.78 -22.97
CA LYS A 106 -12.29 -6.23 -21.95
C LYS A 106 -13.00 -5.26 -21.04
N LEU A 107 -12.48 -5.19 -19.82
CA LEU A 107 -12.79 -4.14 -18.88
C LEU A 107 -11.59 -3.20 -18.75
N TYR A 108 -11.86 -1.91 -18.64
CA TYR A 108 -10.82 -0.88 -18.57
C TYR A 108 -11.07 -0.02 -17.32
N PHE A 109 -10.02 0.20 -16.56
CA PHE A 109 -10.03 1.11 -15.42
C PHE A 109 -9.06 2.25 -15.69
N GLY A 110 -9.56 3.48 -15.67
CA GLY A 110 -8.70 4.64 -15.86
C GLY A 110 -8.17 5.13 -14.55
N LEU A 111 -6.86 5.00 -14.36
CA LEU A 111 -6.21 5.28 -13.11
C LEU A 111 -5.26 6.46 -13.24
N SER A 112 -4.95 7.13 -12.11
CA SER A 112 -3.88 8.09 -12.17
C SER A 112 -2.54 7.42 -12.52
N TYR A 113 -1.75 8.10 -13.32
CA TYR A 113 -0.44 7.65 -13.72
C TYR A 113 0.61 8.08 -12.70
N ALA A 114 1.35 7.14 -12.14
CA ALA A 114 2.44 7.39 -11.22
C ALA A 114 3.75 7.21 -12.01
N LYS A 115 4.28 8.33 -12.47
CA LYS A 115 5.37 8.31 -13.43
C LYS A 115 6.67 7.75 -12.89
N ASN A 116 6.89 7.83 -11.58
CA ASN A 116 8.15 7.39 -11.03
C ASN A 116 8.14 5.94 -10.51
N GLY A 117 7.05 5.19 -10.69
CA GLY A 117 7.04 3.77 -10.44
C GLY A 117 7.07 3.42 -8.98
N GLU A 118 7.57 2.23 -8.67
CA GLU A 118 7.47 1.64 -7.33
C GLU A 118 8.51 2.18 -6.34
N LEU A 119 8.07 2.35 -5.11
CA LEU A 119 9.00 2.68 -4.03
C LEU A 119 10.13 1.65 -3.94
N LEU A 120 9.81 0.40 -4.18
CA LEU A 120 10.80 -0.69 -4.09
C LEU A 120 12.01 -0.41 -4.98
N LYS A 121 11.78 0.19 -6.13
CA LYS A 121 12.90 0.46 -7.06
C LYS A 121 13.93 1.35 -6.42
N TYR A 122 13.48 2.32 -5.65
CA TYR A 122 14.40 3.24 -4.98
C TYR A 122 15.11 2.59 -3.82
N ILE A 123 14.42 1.74 -3.05
CA ILE A 123 15.12 1.04 -1.99
C ILE A 123 16.24 0.21 -2.58
N ARG A 124 15.95 -0.53 -3.66
CA ARG A 124 16.98 -1.41 -4.20
C ARG A 124 18.17 -0.62 -4.71
N LYS A 125 17.88 0.50 -5.38
CA LYS A 125 18.94 1.24 -6.06
C LYS A 125 19.85 1.92 -5.07
N ILE A 126 19.28 2.59 -4.07
CA ILE A 126 20.07 3.32 -3.10
CA ILE A 126 20.11 3.32 -3.11
C ILE A 126 20.47 2.50 -1.89
N GLY A 127 19.76 1.44 -1.63
CA GLY A 127 20.12 0.48 -0.63
C GLY A 127 19.39 0.73 0.66
N SER A 128 19.36 1.99 1.16
N SER A 128 19.31 1.96 1.06
CA SER A 128 18.94 2.38 2.52
CA SER A 128 18.45 2.32 2.15
C SER A 128 18.67 3.88 2.63
C SER A 128 18.27 3.82 2.07
N PHE A 129 17.40 4.29 2.94
CA PHE A 129 17.08 5.71 2.98
C PHE A 129 17.68 6.34 4.23
N ASP A 130 18.13 7.58 4.10
CA ASP A 130 18.59 8.32 5.28
C ASP A 130 17.40 8.62 6.18
N GLU A 131 17.68 9.27 7.29
CA GLU A 131 16.65 9.48 8.31
C GLU A 131 15.57 10.42 7.81
N THR A 132 15.96 11.52 7.17
CA THR A 132 14.99 12.49 6.67
C THR A 132 14.06 11.86 5.66
N CYS A 133 14.60 11.09 4.74
CA CYS A 133 13.78 10.44 3.74
C CYS A 133 12.93 9.33 4.33
N THR A 134 13.47 8.55 5.27
CA THR A 134 12.65 7.57 5.95
C THR A 134 11.50 8.26 6.64
N ARG A 135 11.77 9.33 7.36
CA ARG A 135 10.72 10.00 8.09
C ARG A 135 9.64 10.52 7.14
N PHE A 136 10.04 11.15 6.06
CA PHE A 136 9.07 11.77 5.17
C PHE A 136 8.16 10.71 4.56
N TYR A 137 8.74 9.66 3.99
CA TYR A 137 7.95 8.64 3.34
C TYR A 137 7.13 7.84 4.33
N THR A 138 7.69 7.58 5.50
CA THR A 138 6.89 6.93 6.54
C THR A 138 5.69 7.80 6.91
N ALA A 139 5.91 9.11 7.08
CA ALA A 139 4.79 10.01 7.40
C ALA A 139 3.73 10.02 6.33
N GLU A 140 4.11 9.96 5.06
CA GLU A 140 3.09 9.88 4.02
C GLU A 140 2.30 8.59 4.13
N ILE A 141 2.98 7.46 4.37
CA ILE A 141 2.27 6.18 4.52
C ILE A 141 1.34 6.23 5.72
N VAL A 142 1.80 6.76 6.85
CA VAL A 142 0.95 6.88 8.03
C VAL A 142 -0.27 7.73 7.70
N SER A 143 -0.10 8.86 7.02
CA SER A 143 -1.23 9.71 6.66
CA SER A 143 -1.21 9.72 6.64
C SER A 143 -2.20 8.96 5.78
N ALA A 144 -1.70 8.19 4.83
CA ALA A 144 -2.55 7.38 3.96
C ALA A 144 -3.35 6.38 4.76
N LEU A 145 -2.69 5.64 5.66
CA LEU A 145 -3.36 4.64 6.46
C LEU A 145 -4.39 5.27 7.39
N GLU A 146 -4.11 6.46 7.91
CA GLU A 146 -5.09 7.14 8.76
C GLU A 146 -6.36 7.36 7.97
N TYR A 147 -6.23 7.81 6.73
CA TYR A 147 -7.40 8.05 5.89
C TYR A 147 -8.13 6.73 5.57
N LEU A 148 -7.38 5.73 5.18
CA LEU A 148 -7.98 4.46 4.79
C LEU A 148 -8.71 3.82 5.96
N HIS A 149 -8.05 3.74 7.11
CA HIS A 149 -8.68 3.14 8.28
C HIS A 149 -9.85 3.98 8.77
N GLY A 150 -9.79 5.30 8.60
CA GLY A 150 -10.91 6.14 8.96
C GLY A 150 -12.12 5.87 8.13
N LYS A 151 -11.96 5.34 6.92
CA LYS A 151 -13.06 4.88 6.10
C LYS A 151 -13.42 3.43 6.33
N GLY A 152 -12.78 2.76 7.28
CA GLY A 152 -13.10 1.39 7.57
C GLY A 152 -12.62 0.45 6.52
N ILE A 153 -11.48 0.72 5.88
CA ILE A 153 -10.93 -0.13 4.84
C ILE A 153 -9.59 -0.66 5.30
N ILE A 154 -9.35 -1.96 5.13
CA ILE A 154 -8.05 -2.59 5.40
C ILE A 154 -7.38 -2.80 4.05
N HIS A 155 -6.11 -2.45 3.90
CA HIS A 155 -5.44 -2.71 2.63
C HIS A 155 -5.10 -4.20 2.45
N ARG A 156 -4.39 -4.79 3.43
CA ARG A 156 -4.02 -6.18 3.55
C ARG A 156 -2.87 -6.63 2.65
N ASP A 157 -2.39 -5.78 1.76
CA ASP A 157 -1.21 -6.12 0.96
C ASP A 157 -0.32 -4.89 0.81
N LEU A 158 -0.08 -4.20 1.92
CA LEU A 158 0.79 -3.02 1.89
C LEU A 158 2.25 -3.46 1.82
N LYS A 159 2.99 -2.93 0.84
CA LYS A 159 4.38 -3.29 0.62
C LYS A 159 4.95 -2.30 -0.37
N PRO A 160 6.26 -2.20 -0.46
CA PRO A 160 6.87 -1.21 -1.36
C PRO A 160 6.52 -1.32 -2.81
N GLU A 161 6.23 -2.51 -3.32
CA GLU A 161 5.81 -2.66 -4.71
C GLU A 161 4.46 -2.02 -4.96
N ASN A 162 3.64 -1.87 -3.91
CA ASN A 162 2.30 -1.32 -4.01
C ASN A 162 2.25 0.15 -3.61
N ILE A 163 3.38 0.78 -3.38
CA ILE A 163 3.48 2.20 -3.06
C ILE A 163 4.18 2.84 -4.24
N LEU A 164 3.40 3.45 -5.12
CA LEU A 164 3.98 4.08 -6.31
C LEU A 164 4.34 5.52 -5.98
N LEU A 165 5.06 6.13 -6.90
CA LEU A 165 5.54 7.49 -6.75
C LEU A 165 5.11 8.32 -7.98
N ASN A 166 4.48 9.46 -7.73
CA ASN A 166 4.07 10.35 -8.82
C ASN A 166 5.24 11.21 -9.29
N GLU A 167 4.97 12.06 -10.29
CA GLU A 167 6.01 12.88 -10.88
C GLU A 167 6.67 13.78 -9.84
N ASP A 168 5.95 14.19 -8.81
CA ASP A 168 6.48 15.03 -7.75
C ASP A 168 7.10 14.22 -6.61
N MET A 169 7.15 12.92 -6.72
CA MET A 169 7.76 12.02 -5.72
C MET A 169 6.94 11.94 -4.42
N HIS A 170 5.65 12.17 -4.52
CA HIS A 170 4.73 11.78 -3.46
C HIS A 170 4.17 10.38 -3.72
N ILE A 171 3.82 9.72 -2.63
CA ILE A 171 3.32 8.35 -2.74
C ILE A 171 1.93 8.31 -3.37
N GLN A 172 1.64 7.16 -4.01
CA GLN A 172 0.34 6.82 -4.58
C GLN A 172 0.16 5.32 -4.31
N ILE A 173 -0.58 4.99 -3.24
CA ILE A 173 -0.78 3.61 -2.92
C ILE A 173 -1.78 2.98 -3.89
N THR A 174 -1.51 1.74 -4.27
CA THR A 174 -2.30 0.99 -5.22
C THR A 174 -2.56 -0.43 -4.74
N ASP A 175 -3.28 -1.16 -5.59
CA ASP A 175 -3.52 -2.61 -5.45
CA ASP A 175 -3.59 -2.57 -5.52
C ASP A 175 -4.62 -2.86 -4.42
N PHE A 176 -5.86 -2.63 -4.79
CA PHE A 176 -6.99 -2.68 -3.87
C PHE A 176 -7.86 -3.91 -4.10
N GLY A 177 -7.50 -4.80 -5.03
CA GLY A 177 -8.33 -5.95 -5.24
C GLY A 177 -8.33 -6.93 -4.08
N THR A 178 -7.37 -6.82 -3.17
CA THR A 178 -7.36 -7.63 -1.96
C THR A 178 -7.63 -6.81 -0.70
N ALA A 179 -8.14 -5.57 -0.85
CA ALA A 179 -8.52 -4.74 0.28
C ALA A 179 -9.90 -5.20 0.77
N LYS A 180 -10.31 -4.72 1.94
CA LYS A 180 -11.59 -5.08 2.50
C LYS A 180 -12.27 -3.84 3.04
N VAL A 181 -13.52 -3.61 2.65
CA VAL A 181 -14.38 -2.61 3.29
C VAL A 181 -15.06 -3.30 4.47
N LEU A 182 -14.74 -2.92 5.66
CA LEU A 182 -15.39 -3.44 6.86
C LEU A 182 -16.78 -2.85 6.98
N SER A 183 -17.76 -3.67 7.29
CA SER A 183 -19.14 -3.20 7.31
CA SER A 183 -19.16 -3.23 7.33
C SER A 183 -19.41 -2.29 8.51
N PRO A 184 -19.83 -1.05 8.28
CA PRO A 184 -20.21 -0.21 9.42
C PRO A 184 -21.45 -0.72 10.13
N GLU A 185 -22.38 -1.36 9.40
CA GLU A 185 -23.65 -1.75 9.99
C GLU A 185 -23.45 -2.75 11.10
N SER A 186 -22.46 -3.66 10.97
CA SER A 186 -22.16 -4.69 11.95
C SER A 186 -21.00 -4.34 12.86
N LYS A 187 -20.42 -3.16 12.69
CA LYS A 187 -19.22 -2.74 13.42
C LYS A 187 -18.12 -3.79 13.24
N GLN A 188 -18.01 -4.31 12.02
CA GLN A 188 -17.03 -5.34 11.72
C GLN A 188 -15.61 -4.85 11.97
N ALA A 189 -14.82 -5.71 12.61
CA ALA A 189 -13.40 -5.45 12.83
C ALA A 189 -12.48 -6.45 12.16
N ARG A 190 -12.94 -7.69 11.95
CA ARG A 190 -12.07 -8.74 11.43
C ARG A 190 -12.56 -9.18 10.06
N ALA A 191 -11.60 -9.46 9.18
CA ALA A 191 -11.84 -9.92 7.83
C ALA A 191 -11.25 -11.31 7.65
N ASN A 192 -11.95 -12.16 6.95
CA ASN A 192 -11.64 -13.59 6.93
C ASN A 192 -10.92 -14.11 5.68
N PHE A 194 -7.96 -14.96 3.09
CA PHE A 194 -6.53 -15.11 3.25
C PHE A 194 -5.84 -14.52 2.04
N VAL A 195 -5.29 -13.33 2.22
CA VAL A 195 -4.66 -12.57 1.16
C VAL A 195 -3.45 -11.90 1.78
N GLY A 196 -2.52 -11.49 0.95
CA GLY A 196 -1.34 -10.76 1.38
C GLY A 196 -0.08 -11.26 0.68
N THR A 197 1.05 -10.85 1.23
CA THR A 197 2.39 -11.20 0.75
C THR A 197 3.18 -11.66 1.96
N ALA A 198 3.91 -12.78 1.82
CA ALA A 198 4.52 -13.41 3.00
C ALA A 198 5.37 -12.48 3.84
N GLN A 199 6.26 -11.67 3.22
CA GLN A 199 7.16 -10.84 4.00
C GLN A 199 6.42 -9.84 4.85
N TYR A 200 5.16 -9.50 4.51
CA TYR A 200 4.45 -8.43 5.17
C TYR A 200 3.21 -8.88 5.91
N VAL A 201 2.85 -10.18 5.85
CA VAL A 201 1.63 -10.67 6.40
C VAL A 201 1.72 -10.69 7.93
N SER A 202 0.58 -10.43 8.54
CA SER A 202 0.52 -10.27 10.01
C SER A 202 0.41 -11.64 10.70
N PRO A 203 0.86 -11.70 11.95
CA PRO A 203 0.79 -13.00 12.64
C PRO A 203 -0.66 -13.43 12.89
N GLU A 204 -1.59 -12.49 13.10
CA GLU A 204 -2.99 -12.83 13.34
C GLU A 204 -3.59 -13.48 12.15
N LEU A 205 -3.21 -13.06 10.94
CA LEU A 205 -3.78 -13.73 9.78
C LEU A 205 -3.27 -15.18 9.72
N LEU A 206 -1.98 -15.39 10.03
CA LEU A 206 -1.42 -16.74 10.04
C LEU A 206 -2.00 -17.62 11.13
N THR A 207 -2.25 -17.11 12.35
CA THR A 207 -2.58 -17.96 13.48
C THR A 207 -4.07 -17.95 13.79
N GLU A 208 -4.77 -16.84 13.57
CA GLU A 208 -6.19 -16.73 13.85
C GLU A 208 -7.03 -16.78 12.59
N LYS A 209 -6.43 -16.67 11.43
CA LYS A 209 -7.06 -16.71 10.13
C LYS A 209 -7.95 -15.51 9.86
N SER A 210 -7.67 -14.40 10.50
CA SER A 210 -8.35 -13.17 10.15
C SER A 210 -7.37 -12.01 10.29
N ALA A 211 -7.66 -10.94 9.57
CA ALA A 211 -6.91 -9.69 9.60
C ALA A 211 -7.82 -8.60 10.14
N CYS A 212 -7.22 -7.50 10.55
CA CYS A 212 -7.90 -6.33 11.07
C CYS A 212 -7.15 -5.10 10.57
N LYS A 213 -7.62 -3.89 10.88
CA LYS A 213 -6.91 -2.71 10.43
CA LYS A 213 -6.92 -2.68 10.48
C LYS A 213 -5.48 -2.74 10.94
N SER A 214 -5.27 -3.23 12.17
CA SER A 214 -3.92 -3.26 12.75
C SER A 214 -2.99 -4.15 11.96
N SER A 215 -3.49 -5.10 11.16
CA SER A 215 -2.63 -5.88 10.28
C SER A 215 -1.81 -4.97 9.35
N ASP A 216 -2.40 -3.84 8.89
CA ASP A 216 -1.66 -2.90 8.05
C ASP A 216 -0.54 -2.20 8.83
N LEU A 217 -0.72 -2.00 10.14
CA LEU A 217 0.32 -1.42 10.98
C LEU A 217 1.52 -2.36 11.13
N TRP A 218 1.27 -3.66 11.19
CA TRP A 218 2.36 -4.63 11.12
C TRP A 218 3.15 -4.47 9.82
N ALA A 219 2.42 -4.40 8.69
CA ALA A 219 3.10 -4.18 7.41
C ALA A 219 3.90 -2.88 7.43
N LEU A 220 3.32 -1.79 7.99
CA LEU A 220 4.05 -0.53 8.10
C LEU A 220 5.37 -0.74 8.84
N GLY A 221 5.33 -1.46 9.97
CA GLY A 221 6.57 -1.74 10.67
C GLY A 221 7.62 -2.42 9.83
N CYS A 222 7.18 -3.40 9.04
CA CYS A 222 8.10 -4.06 8.11
C CYS A 222 8.69 -3.10 7.13
N ILE A 223 7.85 -2.23 6.59
CA ILE A 223 8.27 -1.26 5.59
C ILE A 223 9.28 -0.26 6.17
N ILE A 224 9.02 0.28 7.35
CA ILE A 224 9.97 1.22 7.96
C ILE A 224 11.29 0.51 8.14
N TYR A 225 11.26 -0.70 8.68
CA TYR A 225 12.49 -1.49 8.82
C TYR A 225 13.21 -1.60 7.51
N GLN A 226 12.49 -1.94 6.45
CA GLN A 226 13.10 -2.11 5.12
C GLN A 226 13.72 -0.83 4.62
N LEU A 227 13.07 0.29 4.80
CA LEU A 227 13.64 1.56 4.36
C LEU A 227 14.99 1.83 4.99
N VAL A 228 15.12 1.50 6.28
CA VAL A 228 16.35 1.81 7.03
C VAL A 228 17.41 0.75 6.81
N ALA A 229 17.05 -0.53 6.85
CA ALA A 229 17.98 -1.66 6.83
C ALA A 229 18.24 -2.18 5.43
N GLY A 230 17.38 -1.93 4.47
CA GLY A 230 17.56 -2.35 3.11
C GLY A 230 16.83 -3.60 2.76
N LEU A 231 16.31 -4.34 3.73
CA LEU A 231 15.59 -5.57 3.50
C LEU A 231 14.49 -5.62 4.53
N PRO A 232 13.38 -6.30 4.25
CA PRO A 232 12.33 -6.45 5.29
C PRO A 232 12.80 -7.43 6.36
N PRO A 233 12.17 -7.35 7.53
CA PRO A 233 12.75 -8.02 8.72
C PRO A 233 12.62 -9.51 8.76
N PHE A 234 11.59 -10.08 8.13
CA PHE A 234 11.34 -11.52 8.13
C PHE A 234 11.55 -11.96 6.68
N ARG A 235 12.60 -12.70 6.43
CA ARG A 235 12.93 -12.99 5.04
C ARG A 235 13.52 -14.38 4.96
N ALA A 236 13.24 -15.04 3.84
CA ALA A 236 13.75 -16.39 3.61
C ALA A 236 13.41 -16.72 2.18
N GLY A 237 14.01 -17.80 1.66
CA GLY A 237 13.76 -18.22 0.30
C GLY A 237 12.55 -19.06 0.12
N ASN A 238 11.78 -19.32 1.19
CA ASN A 238 10.55 -20.14 1.18
C ASN A 238 9.54 -19.45 2.09
N GLU A 239 8.25 -19.40 1.67
CA GLU A 239 7.26 -18.65 2.44
C GLU A 239 7.03 -19.26 3.81
N GLY A 240 7.05 -20.60 3.92
CA GLY A 240 6.83 -21.19 5.21
C GLY A 240 7.89 -20.84 6.25
N LEU A 241 9.15 -20.70 5.81
CA LEU A 241 10.21 -20.24 6.71
C LEU A 241 9.94 -18.84 7.24
N ILE A 242 9.38 -17.98 6.38
CA ILE A 242 9.02 -16.62 6.82
C ILE A 242 7.89 -16.68 7.83
N PHE A 243 6.84 -17.51 7.59
CA PHE A 243 5.76 -17.61 8.53
C PHE A 243 6.24 -18.02 9.89
N ALA A 244 7.18 -19.00 9.95
CA ALA A 244 7.64 -19.45 11.24
C ALA A 244 8.35 -18.34 12.01
N LYS A 245 9.08 -17.46 11.31
CA LYS A 245 9.73 -16.33 11.98
C LYS A 245 8.72 -15.28 12.44
N ILE A 246 7.73 -14.98 11.61
CA ILE A 246 6.71 -14.00 11.97
C ILE A 246 6.06 -14.37 13.28
N ILE A 247 5.64 -15.63 13.40
CA ILE A 247 4.83 -16.00 14.55
CA ILE A 247 4.85 -16.03 14.54
C ILE A 247 5.65 -16.05 15.82
N LYS A 248 6.97 -16.15 15.74
CA LYS A 248 7.88 -16.12 16.86
C LYS A 248 8.48 -14.74 17.08
N LEU A 249 8.14 -13.74 16.26
CA LEU A 249 8.75 -12.42 16.33
C LEU A 249 10.27 -12.53 16.26
N GLU A 250 10.74 -13.32 15.30
CA GLU A 250 12.14 -13.64 15.14
C GLU A 250 12.73 -12.70 14.09
N TYR A 251 13.35 -11.62 14.56
CA TYR A 251 14.07 -10.67 13.71
C TYR A 251 15.04 -9.89 14.59
N ASP A 252 15.97 -9.20 13.96
N ASP A 252 15.99 -9.25 13.95
CA ASP A 252 16.88 -8.34 14.71
CA ASP A 252 16.99 -8.44 14.64
C ASP A 252 17.27 -7.12 13.89
C ASP A 252 17.16 -7.12 13.89
N PHE A 253 17.72 -6.16 14.56
CA PHE A 253 18.07 -4.89 13.95
C PHE A 253 19.58 -4.84 13.63
N PRO A 254 19.97 -4.29 12.52
CA PRO A 254 21.40 -4.03 12.30
C PRO A 254 21.92 -2.99 13.26
N GLU A 255 23.22 -3.12 13.58
N GLU A 255 23.20 -2.74 13.09
CA GLU A 255 23.81 -2.40 14.73
CA GLU A 255 23.83 -1.55 13.67
C GLU A 255 23.61 -0.89 14.61
C GLU A 255 23.46 -0.26 12.94
N LYS A 256 23.67 -0.35 13.41
N LYS A 256 23.48 0.85 13.69
CA LYS A 256 23.35 1.04 13.15
CA LYS A 256 23.27 2.20 13.19
C LYS A 256 21.95 1.11 12.55
C LYS A 256 21.82 2.44 12.83
N PHE A 257 21.00 1.68 13.28
N PHE A 257 20.95 1.51 13.10
CA PHE A 257 19.60 1.80 12.87
CA PHE A 257 19.55 1.77 12.84
C PHE A 257 19.06 2.95 13.68
N PHE A 258 18.53 4.00 13.02
CA PHE A 258 18.21 5.24 13.72
C PHE A 258 17.42 4.92 14.98
N PRO A 259 17.87 5.34 16.16
CA PRO A 259 17.23 4.80 17.39
C PRO A 259 15.76 5.10 17.55
N LYS A 260 15.28 6.28 17.17
CA LYS A 260 13.85 6.53 17.33
C LYS A 260 13.05 5.74 16.30
N ALA A 261 13.63 5.45 15.14
CA ALA A 261 12.97 4.54 14.20
C ALA A 261 12.91 3.12 14.71
N ARG A 262 13.96 2.67 15.38
CA ARG A 262 13.94 1.35 15.99
C ARG A 262 12.81 1.29 17.01
N ASP A 263 12.71 2.32 17.87
CA ASP A 263 11.65 2.34 18.85
C ASP A 263 10.27 2.24 18.18
N LEU A 264 10.06 3.01 17.12
CA LEU A 264 8.79 2.97 16.42
C LEU A 264 8.53 1.56 15.86
N VAL A 265 9.52 0.98 15.19
CA VAL A 265 9.34 -0.38 14.68
C VAL A 265 8.96 -1.37 15.78
N GLU A 266 9.57 -1.25 16.96
CA GLU A 266 9.27 -2.12 18.07
C GLU A 266 7.88 -1.88 18.63
N LYS A 267 7.27 -0.74 18.35
CA LYS A 267 5.90 -0.45 18.73
C LYS A 267 4.87 -0.89 17.68
N LEU A 268 5.32 -1.31 16.52
CA LEU A 268 4.49 -1.80 15.43
C LEU A 268 4.55 -3.29 15.23
N LEU A 269 5.77 -3.86 15.33
CA LEU A 269 5.99 -5.31 15.20
C LEU A 269 5.77 -5.95 16.56
N VAL A 270 4.50 -5.98 16.93
CA VAL A 270 4.01 -6.51 18.19
C VAL A 270 3.04 -7.63 17.83
N LEU A 271 3.21 -8.81 18.42
CA LEU A 271 2.36 -9.94 18.05
C LEU A 271 0.88 -9.66 18.34
N ASP A 272 0.59 -9.05 19.49
CA ASP A 272 -0.80 -8.74 19.85
C ASP A 272 -1.26 -7.52 19.05
N ALA A 273 -2.18 -7.73 18.13
CA ALA A 273 -2.62 -6.66 17.25
C ALA A 273 -3.33 -5.52 17.97
N THR A 274 -3.77 -5.71 19.21
CA THR A 274 -4.41 -4.66 19.99
C THR A 274 -3.40 -3.78 20.71
N LYS A 275 -2.08 -4.05 20.55
CA LYS A 275 -1.07 -3.33 21.28
C LYS A 275 -0.13 -2.62 20.30
N ARG A 276 -0.48 -2.51 19.03
CA ARG A 276 0.33 -1.79 18.02
C ARG A 276 -0.04 -0.31 18.04
N LEU A 277 0.96 0.54 18.09
CA LEU A 277 0.74 1.97 18.05
C LEU A 277 0.02 2.34 16.76
N GLY A 278 -1.10 3.05 16.88
CA GLY A 278 -1.98 3.34 15.77
C GLY A 278 -3.26 2.55 15.73
N CYS A 279 -3.32 1.45 16.47
CA CYS A 279 -4.52 0.63 16.42
C CYS A 279 -5.67 1.26 17.18
N GLU A 280 -6.89 0.81 16.89
CA GLU A 280 -8.08 1.38 17.51
C GLU A 280 -8.04 1.23 19.02
N GLU A 281 -7.55 0.08 19.52
CA GLU A 281 -7.51 -0.12 20.96
C GLU A 281 -6.55 0.81 21.66
N MET A 282 -5.58 1.36 20.93
CA MET A 282 -4.62 2.35 21.41
CA MET A 282 -4.68 2.37 21.47
C MET A 282 -5.02 3.77 20.98
N GLU A 283 -6.28 3.98 20.61
CA GLU A 283 -6.82 5.29 20.24
C GLU A 283 -6.26 5.85 18.97
N GLY A 284 -5.84 5.00 18.05
CA GLY A 284 -5.74 5.42 16.67
C GLY A 284 -4.51 6.25 16.34
N TYR A 285 -4.67 7.10 15.33
CA TYR A 285 -3.51 7.68 14.67
C TYR A 285 -2.89 8.86 15.43
N GLY A 286 -3.61 9.51 16.32
CA GLY A 286 -3.03 10.62 17.04
C GLY A 286 -1.80 10.22 17.84
N PRO A 287 -1.88 9.13 18.61
CA PRO A 287 -0.72 8.67 19.35
C PRO A 287 0.44 8.20 18.47
N LEU A 288 0.14 7.64 17.33
CA LEU A 288 1.19 7.22 16.38
C LEU A 288 1.89 8.45 15.81
N LYS A 289 1.13 9.45 15.39
CA LYS A 289 1.70 10.67 14.86
C LYS A 289 2.52 11.41 15.88
N ALA A 290 2.21 11.20 17.17
CA ALA A 290 2.93 11.77 18.29
C ALA A 290 4.24 11.07 18.63
N HIS A 291 4.57 9.96 17.96
CA HIS A 291 5.79 9.25 18.30
C HIS A 291 6.99 10.19 18.12
N PRO A 292 8.02 10.07 18.96
CA PRO A 292 9.21 10.94 18.78
C PRO A 292 9.89 10.89 17.43
N PHE A 293 9.81 9.79 16.71
CA PHE A 293 10.42 9.75 15.38
C PHE A 293 9.84 10.83 14.46
N PHE A 294 8.60 11.24 14.72
CA PHE A 294 7.90 12.19 13.88
C PHE A 294 7.91 13.60 14.44
N GLU A 295 8.72 13.88 15.45
CA GLU A 295 8.68 15.18 16.13
C GLU A 295 8.77 16.34 15.15
N SER A 296 9.58 16.21 14.11
CA SER A 296 9.71 17.35 13.19
C SER A 296 8.73 17.35 12.00
N VAL A 297 7.78 16.42 11.95
CA VAL A 297 6.84 16.38 10.84
C VAL A 297 5.74 17.40 11.01
N THR A 298 5.43 18.11 9.91
CA THR A 298 4.22 18.91 9.82
C THR A 298 3.20 18.08 9.06
N TRP A 299 2.16 17.61 9.75
CA TRP A 299 1.22 16.67 9.16
C TRP A 299 0.26 17.34 8.20
N GLU A 300 -0.08 18.60 8.45
CA GLU A 300 -0.92 19.38 7.55
C GLU A 300 -0.27 19.60 6.18
N ASN A 301 -1.05 19.39 5.14
CA ASN A 301 -0.62 19.69 3.77
C ASN A 301 0.68 18.95 3.42
N LEU A 302 0.88 17.74 3.96
CA LEU A 302 2.06 16.94 3.63
C LEU A 302 2.19 16.73 2.12
N HIS A 303 1.08 16.57 1.44
CA HIS A 303 1.07 16.33 0.01
C HIS A 303 1.52 17.50 -0.81
N GLN A 304 1.69 18.69 -0.20
CA GLN A 304 2.13 19.88 -0.84
C GLN A 304 3.57 20.23 -0.47
N GLN A 305 4.16 19.51 0.46
CA GLN A 305 5.52 19.72 0.82
C GLN A 305 6.45 19.10 -0.22
N THR A 306 7.61 19.71 -0.42
CA THR A 306 8.54 19.15 -1.39
C THR A 306 9.29 17.95 -0.79
N PRO A 307 9.18 16.75 -1.35
CA PRO A 307 9.84 15.60 -0.75
C PRO A 307 11.35 15.82 -0.75
N PRO A 308 12.04 15.28 0.25
CA PRO A 308 13.50 15.28 0.22
C PRO A 308 14.03 14.41 -0.89
N LYS A 309 15.15 14.81 -1.50
CA LYS A 309 15.72 14.03 -2.59
C LYS A 309 16.31 12.73 -2.05
N LEU A 310 16.06 11.65 -2.78
CA LEU A 310 16.50 10.31 -2.38
C LEU A 310 17.94 10.11 -2.83
N THR A 311 18.84 10.00 -1.89
CA THR A 311 20.26 9.79 -2.20
C THR A 311 20.84 8.75 -1.24
#